data_3DSQ
#
_entry.id   3DSQ
#
_cell.length_a   130.183
_cell.length_b   68.467
_cell.length_c   96.288
_cell.angle_alpha   90.00
_cell.angle_beta   136.36
_cell.angle_gamma   90.00
#
_symmetry.space_group_name_H-M   'C 1 2 1'
#
loop_
_entity.id
_entity.type
_entity.pdbx_description
1 polymer 'Pyrrolysyl-tRNA synthetase'
2 non-polymer 'CHLORIDE ION'
3 non-polymer 'SODIUM ION'
4 water water
#
_entity_poly.entity_id   1
_entity_poly.type   'polypeptide(L)'
_entity_poly.pdbx_seq_one_letter_code
;MFLTRRDPPLSSFWTKVQYQRLKELNASGEQLEMGFSDALSRDRAFQGIEHQLMSQGKRHLEQLRTVKHRPALLELEEKL
AKALHQQGFVQVVTPTIITKSALAKMTIGEDHPLFSQVFWLDGKKCLRPMLAPNLYTLWRELERLWDKPIRIFEIGTCYR
KESQGAQHLNEFTMLNLTELGTPLEERHQRLEDMARWVLEAAGIREFELVTESSVVYGDTVDVMKGDLELASGAMGPHFL
DEKWEIFDPWVGLGFGLERLLMIREGTQHVQSMARSLSYLDGVRLNIN
;
_entity_poly.pdbx_strand_id   A,B
#
# COMPACT_ATOMS: atom_id res chain seq x y z
N PRO A 8 11.48 38.34 33.49
CA PRO A 8 10.60 39.45 33.10
C PRO A 8 10.75 39.87 31.64
N PRO A 9 11.95 40.34 31.23
CA PRO A 9 12.13 40.73 29.84
C PRO A 9 11.78 39.61 28.86
N LEU A 10 10.80 39.86 28.00
CA LEU A 10 10.35 38.87 27.03
C LEU A 10 9.73 37.67 27.73
N SER A 11 8.82 37.95 28.66
CA SER A 11 8.16 36.89 29.43
C SER A 11 6.74 36.60 28.98
N SER A 12 6.41 36.98 27.75
CA SER A 12 5.09 36.71 27.18
C SER A 12 5.32 35.67 26.10
N PHE A 13 4.74 34.48 26.27
CA PHE A 13 4.92 33.41 25.30
C PHE A 13 3.63 33.04 24.59
N TRP A 14 3.75 32.19 23.56
CA TRP A 14 2.61 31.75 22.77
C TRP A 14 1.51 31.18 23.65
N THR A 15 0.26 31.41 23.26
CA THR A 15 -0.86 30.86 23.99
C THR A 15 -0.94 29.42 23.51
N LYS A 16 -1.74 28.60 24.18
CA LYS A 16 -1.88 27.20 23.78
C LYS A 16 -2.23 27.12 22.30
N VAL A 17 -3.24 27.88 21.92
CA VAL A 17 -3.71 27.91 20.54
C VAL A 17 -2.64 28.34 19.54
N GLN A 18 -1.93 29.42 19.86
CA GLN A 18 -0.89 29.93 18.99
C GLN A 18 0.26 28.94 18.86
N TYR A 19 0.53 28.21 19.94
CA TYR A 19 1.61 27.23 19.95
C TYR A 19 1.31 26.03 19.05
N GLN A 20 0.08 25.53 19.15
CA GLN A 20 -0.33 24.37 18.37
C GLN A 20 -0.39 24.73 16.88
N ARG A 21 -0.92 25.90 16.58
CA ARG A 21 -1.04 26.37 15.22
C ARG A 21 0.35 26.47 14.57
N LEU A 22 1.29 27.07 15.28
CA LEU A 22 2.65 27.22 14.78
C LEU A 22 3.29 25.86 14.63
N LYS A 23 2.91 24.94 15.51
CA LYS A 23 3.42 23.58 15.48
C LYS A 23 2.94 22.88 14.19
N GLU A 24 1.69 23.09 13.82
CA GLU A 24 1.15 22.49 12.59
C GLU A 24 1.86 23.07 11.38
N LEU A 25 2.22 24.33 11.48
CA LEU A 25 2.89 25.02 10.40
C LEU A 25 4.37 24.69 10.37
N ASN A 26 4.77 23.78 11.26
CA ASN A 26 6.17 23.36 11.36
C ASN A 26 7.09 24.53 11.68
N ALA A 27 6.76 25.26 12.75
CA ALA A 27 7.59 26.38 13.18
C ALA A 27 8.92 25.78 13.64
N SER A 28 9.98 26.57 13.52
CA SER A 28 11.34 26.14 13.86
C SER A 28 11.63 25.61 15.26
N GLY A 29 10.78 25.92 16.23
CA GLY A 29 11.06 25.45 17.57
C GLY A 29 11.68 26.62 18.32
N GLU A 30 12.62 27.29 17.67
CA GLU A 30 13.23 28.48 18.26
C GLU A 30 12.04 29.42 18.31
N GLN A 31 11.36 29.52 17.16
CA GLN A 31 10.18 30.35 17.02
C GLN A 31 9.14 29.94 18.06
N LEU A 32 9.12 28.66 18.38
CA LEU A 32 8.16 28.12 19.34
C LEU A 32 8.46 28.52 20.79
N GLU A 33 9.69 28.94 21.04
CA GLU A 33 10.09 29.32 22.39
C GLU A 33 10.27 30.83 22.54
N MET A 34 10.01 31.56 21.47
CA MET A 34 10.16 33.01 21.50
C MET A 34 9.31 33.64 22.58
N GLY A 35 9.86 34.69 23.19
CA GLY A 35 9.15 35.41 24.24
C GLY A 35 8.93 36.84 23.81
N PHE A 36 8.02 37.54 24.47
CA PHE A 36 7.74 38.92 24.12
C PHE A 36 7.60 39.83 25.33
N SER A 37 7.55 41.13 25.07
CA SER A 37 7.45 42.13 26.13
C SER A 37 6.04 42.23 26.70
N ASP A 38 5.04 41.76 25.95
CA ASP A 38 3.66 41.81 26.42
C ASP A 38 2.70 41.00 25.55
N ALA A 39 1.45 40.94 25.98
CA ALA A 39 0.39 40.19 25.29
C ALA A 39 0.02 40.72 23.92
N LEU A 40 0.07 42.04 23.75
CA LEU A 40 -0.28 42.63 22.46
C LEU A 40 0.84 42.45 21.44
N SER A 41 2.08 42.62 21.88
CA SER A 41 3.23 42.47 21.01
C SER A 41 3.36 41.02 20.56
N ARG A 42 2.88 40.11 21.39
CA ARG A 42 2.93 38.68 21.11
C ARG A 42 1.99 38.33 19.97
N ASP A 43 0.72 38.66 20.16
CA ASP A 43 -0.31 38.38 19.16
C ASP A 43 0.10 38.95 17.81
N ARG A 44 0.69 40.14 17.81
CA ARG A 44 1.09 40.76 16.56
C ARG A 44 2.23 39.94 15.96
N ALA A 45 3.07 39.38 16.83
CA ALA A 45 4.18 38.56 16.37
C ALA A 45 3.60 37.27 15.81
N PHE A 46 2.60 36.72 16.49
CA PHE A 46 1.96 35.50 16.04
C PHE A 46 1.55 35.65 14.59
N GLN A 47 0.67 36.62 14.34
CA GLN A 47 0.15 36.88 13.01
C GLN A 47 1.24 36.99 11.95
N GLY A 48 2.33 37.65 12.31
CA GLY A 48 3.42 37.81 11.36
C GLY A 48 4.12 36.49 11.08
N ILE A 49 4.41 35.74 12.13
CA ILE A 49 5.07 34.46 12.00
C ILE A 49 4.21 33.42 11.30
N GLU A 50 2.91 33.43 11.56
CA GLU A 50 2.02 32.47 10.93
C GLU A 50 1.95 32.68 9.42
N HIS A 51 1.66 33.91 9.00
CA HIS A 51 1.55 34.21 7.58
C HIS A 51 2.84 33.86 6.87
N GLN A 52 3.96 33.97 7.58
CA GLN A 52 5.27 33.66 7.04
C GLN A 52 5.36 32.15 6.81
N LEU A 53 4.91 31.38 7.79
CA LEU A 53 4.93 29.92 7.67
C LEU A 53 3.94 29.45 6.62
N MET A 54 2.81 30.15 6.50
CA MET A 54 1.79 29.78 5.51
C MET A 54 2.28 30.02 4.09
N SER A 55 3.00 31.13 3.90
CA SER A 55 3.55 31.46 2.60
C SER A 55 4.58 30.39 2.27
N GLN A 56 5.32 30.02 3.29
CA GLN A 56 6.36 29.01 3.22
C GLN A 56 5.77 27.66 2.81
N GLY A 57 4.62 27.32 3.40
CA GLY A 57 3.96 26.07 3.07
C GLY A 57 3.46 26.07 1.64
N LYS A 58 2.87 27.19 1.23
CA LYS A 58 2.35 27.33 -0.13
C LYS A 58 3.44 27.16 -1.18
N ARG A 59 4.65 27.62 -0.89
CA ARG A 59 5.75 27.48 -1.84
C ARG A 59 6.23 26.04 -1.87
N HIS A 60 6.17 25.38 -0.72
CA HIS A 60 6.61 24.00 -0.64
C HIS A 60 5.67 23.13 -1.47
N LEU A 61 4.39 23.49 -1.46
CA LEU A 61 3.40 22.74 -2.23
C LEU A 61 3.60 22.95 -3.73
N GLU A 62 4.27 24.04 -4.08
CA GLU A 62 4.55 24.33 -5.48
C GLU A 62 5.59 23.35 -5.99
N GLN A 63 6.52 22.96 -5.13
CA GLN A 63 7.56 22.02 -5.49
C GLN A 63 6.88 20.67 -5.76
N LEU A 64 5.84 20.40 -5.00
CA LEU A 64 5.07 19.17 -5.13
C LEU A 64 4.24 19.24 -6.40
N ARG A 65 3.65 20.40 -6.66
CA ARG A 65 2.81 20.60 -7.84
C ARG A 65 3.58 20.66 -9.17
N THR A 66 4.78 21.23 -9.17
CA THR A 66 5.52 21.38 -10.40
C THR A 66 6.83 20.60 -10.53
N VAL A 67 7.39 20.15 -9.42
CA VAL A 67 8.64 19.43 -9.48
C VAL A 67 8.58 17.94 -9.20
N LYS A 68 8.15 17.58 -7.99
CA LYS A 68 8.09 16.18 -7.58
C LYS A 68 6.89 15.39 -8.06
N HIS A 69 5.70 15.98 -7.90
CA HIS A 69 4.46 15.33 -8.30
C HIS A 69 4.08 14.17 -7.39
N ARG A 70 4.71 14.13 -6.22
CA ARG A 70 4.43 13.10 -5.22
C ARG A 70 5.08 13.55 -3.94
N PRO A 71 4.45 13.24 -2.78
CA PRO A 71 4.99 13.63 -1.48
C PRO A 71 6.17 12.79 -1.02
N ALA A 72 6.84 13.31 0.02
CA ALA A 72 8.02 12.70 0.60
C ALA A 72 7.88 11.22 0.91
N LEU A 73 6.76 10.82 1.51
CA LEU A 73 6.57 9.42 1.84
C LEU A 73 6.70 8.53 0.63
N LEU A 74 6.04 8.89 -0.45
CA LEU A 74 6.08 8.10 -1.67
C LEU A 74 7.45 8.18 -2.34
N GLU A 75 8.10 9.34 -2.23
CA GLU A 75 9.42 9.54 -2.81
C GLU A 75 10.42 8.64 -2.07
N LEU A 76 10.34 8.65 -0.75
CA LEU A 76 11.22 7.83 0.08
C LEU A 76 10.94 6.35 -0.18
N GLU A 77 9.67 6.00 -0.38
CA GLU A 77 9.33 4.59 -0.63
C GLU A 77 10.01 4.08 -1.91
N GLU A 78 9.90 4.84 -2.99
CA GLU A 78 10.52 4.41 -4.24
C GLU A 78 12.04 4.36 -4.10
N LYS A 79 12.61 5.37 -3.47
CA LYS A 79 14.04 5.46 -3.27
C LYS A 79 14.58 4.28 -2.47
N LEU A 80 13.91 3.97 -1.36
CA LEU A 80 14.33 2.86 -0.51
C LEU A 80 14.27 1.52 -1.25
N ALA A 81 13.14 1.26 -1.89
CA ALA A 81 12.93 0.02 -2.62
C ALA A 81 14.02 -0.25 -3.65
N LYS A 82 14.32 0.74 -4.48
CA LYS A 82 15.34 0.59 -5.52
C LYS A 82 16.69 0.31 -4.90
N ALA A 83 17.03 1.06 -3.85
CA ALA A 83 18.30 0.86 -3.18
C ALA A 83 18.45 -0.60 -2.79
N LEU A 84 17.39 -1.19 -2.26
CA LEU A 84 17.41 -2.59 -1.84
C LEU A 84 17.38 -3.57 -3.00
N HIS A 85 16.69 -3.21 -4.08
CA HIS A 85 16.66 -4.08 -5.25
C HIS A 85 18.12 -4.22 -5.73
N GLN A 86 18.89 -3.16 -5.55
CA GLN A 86 20.29 -3.14 -5.96
C GLN A 86 21.16 -4.06 -5.13
N GLN A 87 20.71 -4.40 -3.93
CA GLN A 87 21.49 -5.28 -3.07
C GLN A 87 20.98 -6.71 -3.10
N GLY A 88 20.13 -7.01 -4.07
CA GLY A 88 19.62 -8.36 -4.19
C GLY A 88 18.40 -8.70 -3.35
N PHE A 89 17.71 -7.70 -2.80
CA PHE A 89 16.53 -7.99 -1.99
C PHE A 89 15.27 -8.06 -2.85
N VAL A 90 14.51 -9.13 -2.70
CA VAL A 90 13.27 -9.27 -3.42
C VAL A 90 12.17 -8.59 -2.60
N GLN A 91 11.43 -7.69 -3.22
CA GLN A 91 10.37 -6.99 -2.53
C GLN A 91 9.06 -7.78 -2.59
N VAL A 92 8.34 -7.80 -1.48
CA VAL A 92 7.06 -8.52 -1.45
C VAL A 92 5.97 -7.61 -0.95
N VAL A 93 4.73 -7.98 -1.25
CA VAL A 93 3.58 -7.22 -0.84
C VAL A 93 2.56 -8.26 -0.33
N THR A 94 2.30 -8.19 0.96
CA THR A 94 1.43 -9.13 1.65
C THR A 94 0.15 -8.51 2.22
N PRO A 95 -0.76 -9.35 2.73
CA PRO A 95 -1.99 -8.78 3.27
C PRO A 95 -1.80 -7.84 4.45
N THR A 96 -2.65 -6.83 4.55
CA THR A 96 -2.63 -5.91 5.67
C THR A 96 -3.59 -6.46 6.73
N ILE A 97 -4.35 -7.49 6.37
CA ILE A 97 -5.27 -8.12 7.32
C ILE A 97 -4.63 -9.45 7.69
N ILE A 98 -4.34 -9.64 8.97
CA ILE A 98 -3.73 -10.89 9.43
C ILE A 98 -4.63 -11.63 10.45
N THR A 99 -4.34 -12.92 10.68
CA THR A 99 -5.17 -13.71 11.59
C THR A 99 -4.75 -13.58 13.06
N LYS A 100 -5.69 -13.91 13.94
CA LYS A 100 -5.45 -13.85 15.39
C LYS A 100 -4.35 -14.85 15.73
N SER A 101 -4.38 -16.00 15.05
CA SER A 101 -3.39 -17.05 15.24
C SER A 101 -1.98 -16.54 14.90
N ALA A 102 -1.86 -15.79 13.81
CA ALA A 102 -0.57 -15.26 13.39
C ALA A 102 -0.05 -14.26 14.41
N LEU A 103 -0.94 -13.38 14.86
CA LEU A 103 -0.57 -12.36 15.85
C LEU A 103 -0.08 -13.00 17.15
N ALA A 104 -0.74 -14.09 17.55
CA ALA A 104 -0.36 -14.79 18.78
C ALA A 104 1.06 -15.38 18.69
N LYS A 105 1.46 -15.81 17.50
CA LYS A 105 2.80 -16.38 17.32
C LYS A 105 3.88 -15.30 17.43
N MET A 106 3.45 -14.05 17.59
CA MET A 106 4.40 -12.95 17.70
C MET A 106 4.62 -12.57 19.16
N THR A 107 3.74 -13.08 20.02
CA THR A 107 3.81 -12.80 21.46
C THR A 107 5.07 -13.35 22.13
N ILE A 108 5.87 -12.44 22.68
CA ILE A 108 7.09 -12.83 23.37
C ILE A 108 6.71 -13.59 24.64
N GLY A 109 6.54 -14.90 24.49
CA GLY A 109 6.14 -15.75 25.58
C GLY A 109 4.85 -16.46 25.21
N GLU A 110 3.76 -16.05 25.83
CA GLU A 110 2.44 -16.64 25.56
C GLU A 110 1.42 -16.15 26.56
N PRO A 113 -1.39 -9.25 25.03
CA PRO A 113 -0.61 -8.03 25.20
C PRO A 113 -0.71 -7.17 23.94
N LEU A 114 -0.42 -7.79 22.81
CA LEU A 114 -0.46 -7.14 21.51
C LEU A 114 -1.90 -7.03 21.03
N PHE A 115 -2.78 -7.80 21.65
CA PHE A 115 -4.19 -7.83 21.27
C PHE A 115 -4.97 -6.53 21.51
N SER A 116 -4.62 -5.80 22.57
CA SER A 116 -5.30 -4.54 22.86
C SER A 116 -4.67 -3.40 22.08
N GLN A 117 -3.67 -3.71 21.26
CA GLN A 117 -2.98 -2.71 20.45
C GLN A 117 -3.49 -2.65 19.01
N VAL A 118 -4.17 -3.71 18.56
CA VAL A 118 -4.67 -3.75 17.19
C VAL A 118 -6.13 -3.43 16.98
N PHE A 119 -6.46 -3.18 15.72
CA PHE A 119 -7.83 -2.93 15.29
C PHE A 119 -8.37 -4.26 14.76
N TRP A 120 -9.34 -4.82 15.46
CA TRP A 120 -9.93 -6.09 15.03
C TRP A 120 -11.06 -5.89 14.04
N LEU A 121 -11.15 -6.76 13.04
CA LEU A 121 -12.22 -6.69 12.05
C LEU A 121 -13.33 -7.63 12.56
N ASP A 122 -12.89 -8.64 13.29
CA ASP A 122 -13.76 -9.64 13.93
C ASP A 122 -12.89 -10.44 14.88
N GLY A 123 -13.49 -11.36 15.62
CA GLY A 123 -12.74 -12.15 16.57
C GLY A 123 -11.51 -12.87 16.06
N LYS A 124 -11.42 -13.04 14.74
CA LYS A 124 -10.28 -13.75 14.17
C LYS A 124 -9.36 -12.94 13.24
N LYS A 125 -9.76 -11.74 12.87
CA LYS A 125 -8.96 -10.92 11.96
C LYS A 125 -8.68 -9.54 12.50
N CYS A 126 -7.51 -9.00 12.16
CA CYS A 126 -7.12 -7.66 12.57
C CYS A 126 -6.15 -7.04 11.57
N LEU A 127 -5.96 -5.73 11.69
CA LEU A 127 -5.03 -5.02 10.84
C LEU A 127 -3.65 -5.28 11.42
N ARG A 128 -2.72 -5.68 10.55
CA ARG A 128 -1.36 -5.97 10.98
C ARG A 128 -0.71 -4.79 11.70
N PRO A 129 -0.07 -5.05 12.84
CA PRO A 129 0.56 -3.92 13.52
C PRO A 129 2.06 -3.94 13.18
N MET A 130 2.46 -4.94 12.39
CA MET A 130 3.85 -5.10 12.00
C MET A 130 3.90 -6.06 10.82
N LEU A 131 5.01 -6.04 10.08
CA LEU A 131 5.19 -6.88 8.91
C LEU A 131 5.76 -8.29 9.18
N ALA A 132 6.43 -8.48 10.31
CA ALA A 132 7.08 -9.75 10.65
C ALA A 132 6.33 -11.07 10.42
N PRO A 133 5.07 -11.18 10.90
CA PRO A 133 4.34 -12.43 10.68
C PRO A 133 4.22 -12.81 9.21
N ASN A 134 3.93 -11.83 8.36
CA ASN A 134 3.84 -12.07 6.92
C ASN A 134 5.19 -12.45 6.31
N LEU A 135 6.26 -11.85 6.83
CA LEU A 135 7.60 -12.15 6.32
C LEU A 135 8.03 -13.53 6.81
N TYR A 136 7.64 -13.85 8.04
CA TYR A 136 7.94 -15.15 8.64
C TYR A 136 7.33 -16.22 7.75
N THR A 137 6.15 -15.95 7.22
CA THR A 137 5.47 -16.91 6.37
C THR A 137 6.18 -17.04 5.03
N LEU A 138 6.44 -15.93 4.36
CA LEU A 138 7.13 -15.99 3.07
C LEU A 138 8.49 -16.69 3.19
N TRP A 139 9.13 -16.53 4.34
CA TRP A 139 10.42 -17.19 4.59
C TRP A 139 10.28 -18.71 4.42
N ARG A 140 9.36 -19.27 5.21
CA ARG A 140 9.13 -20.71 5.19
C ARG A 140 8.80 -21.23 3.79
N GLU A 141 7.93 -20.51 3.08
CA GLU A 141 7.55 -20.91 1.74
C GLU A 141 8.71 -20.78 0.76
N LEU A 142 9.38 -19.64 0.76
CA LEU A 142 10.48 -19.42 -0.17
C LEU A 142 11.68 -20.33 0.05
N GLU A 143 11.97 -20.66 1.29
CA GLU A 143 13.11 -21.51 1.61
C GLU A 143 12.98 -22.91 0.98
N ARG A 144 11.76 -23.28 0.60
CA ARG A 144 11.51 -24.58 -0.02
C ARG A 144 11.72 -24.51 -1.53
N LEU A 145 11.82 -23.30 -2.06
CA LEU A 145 12.01 -23.12 -3.50
C LEU A 145 13.38 -22.56 -3.86
N TRP A 146 13.90 -21.66 -3.02
CA TRP A 146 15.20 -21.05 -3.30
C TRP A 146 16.23 -21.43 -2.25
N ASP A 147 17.51 -21.35 -2.63
CA ASP A 147 18.59 -21.67 -1.71
C ASP A 147 18.89 -20.43 -0.86
N LYS A 148 19.35 -20.66 0.36
CA LYS A 148 19.69 -19.57 1.26
C LYS A 148 21.03 -18.97 0.88
N PRO A 149 21.28 -17.70 1.22
CA PRO A 149 20.39 -16.78 1.95
C PRO A 149 19.24 -16.19 1.12
N ILE A 150 18.09 -16.03 1.75
CA ILE A 150 16.93 -15.46 1.09
C ILE A 150 16.78 -14.02 1.58
N ARG A 151 16.74 -13.08 0.64
CA ARG A 151 16.63 -11.67 0.99
C ARG A 151 15.32 -11.08 0.51
N ILE A 152 14.44 -10.74 1.45
CA ILE A 152 13.17 -10.14 1.08
C ILE A 152 12.87 -8.96 1.98
N PHE A 153 12.00 -8.08 1.52
CA PHE A 153 11.59 -6.93 2.29
C PHE A 153 10.23 -6.47 1.83
N GLU A 154 9.58 -5.69 2.69
CA GLU A 154 8.28 -5.14 2.35
C GLU A 154 8.19 -3.75 2.94
N ILE A 155 7.50 -2.87 2.22
CA ILE A 155 7.29 -1.51 2.68
C ILE A 155 5.78 -1.48 2.64
N GLY A 156 5.15 -1.23 3.78
CA GLY A 156 3.70 -1.20 3.76
C GLY A 156 3.08 -0.63 5.01
N THR A 157 1.78 -0.37 4.92
CA THR A 157 1.04 0.20 6.00
C THR A 157 0.78 -0.80 7.11
N CYS A 158 0.96 -0.33 8.35
CA CYS A 158 0.71 -1.13 9.55
C CYS A 158 -0.19 -0.28 10.45
N TYR A 159 -0.92 -0.93 11.37
CA TYR A 159 -1.86 -0.22 12.24
C TYR A 159 -1.74 -0.55 13.73
N ARG A 160 -1.92 0.46 14.56
CA ARG A 160 -1.85 0.31 16.03
C ARG A 160 -2.73 1.34 16.73
N LYS A 161 -3.40 0.93 17.79
CA LYS A 161 -4.25 1.84 18.57
C LYS A 161 -3.38 2.72 19.46
N GLU A 162 -2.21 2.21 19.87
CA GLU A 162 -1.29 2.95 20.72
C GLU A 162 0.17 2.63 20.40
N SER A 163 1.08 3.44 20.94
CA SER A 163 2.51 3.26 20.70
C SER A 163 3.38 3.99 21.72
N GLN A 164 4.68 3.78 21.61
CA GLN A 164 5.64 4.43 22.49
C GLN A 164 5.88 5.85 21.96
N GLY A 165 6.12 6.79 22.87
CA GLY A 165 6.36 8.16 22.47
C GLY A 165 5.19 9.07 22.72
N ALA A 166 5.40 10.36 22.50
CA ALA A 166 4.36 11.36 22.70
C ALA A 166 3.40 11.39 21.52
N GLN A 167 3.93 11.23 20.32
CA GLN A 167 3.13 11.25 19.10
C GLN A 167 2.64 9.87 18.69
N HIS A 168 1.49 9.82 18.01
CA HIS A 168 0.95 8.54 17.55
C HIS A 168 0.25 8.56 16.20
N LEU A 169 0.47 7.49 15.45
CA LEU A 169 -0.18 7.33 14.16
C LEU A 169 -0.93 6.02 14.22
N ASN A 170 -2.20 6.03 13.82
CA ASN A 170 -2.95 4.79 13.79
C ASN A 170 -2.53 4.07 12.52
N GLU A 171 -2.10 4.84 11.52
CA GLU A 171 -1.67 4.31 10.22
C GLU A 171 -0.26 4.78 9.94
N PHE A 172 0.66 3.83 9.83
CA PHE A 172 2.05 4.20 9.59
C PHE A 172 2.69 3.25 8.58
N THR A 173 3.80 3.70 8.02
CA THR A 173 4.49 2.92 7.01
C THR A 173 5.79 2.32 7.51
N MET A 174 5.88 1.00 7.40
CA MET A 174 7.06 0.30 7.82
C MET A 174 7.84 -0.28 6.65
N LEU A 175 9.16 -0.27 6.80
CA LEU A 175 10.05 -0.90 5.83
C LEU A 175 10.71 -1.94 6.73
N ASN A 176 10.62 -3.19 6.35
CA ASN A 176 11.22 -4.26 7.13
C ASN A 176 12.00 -5.12 6.14
N LEU A 177 13.34 -5.11 6.27
CA LEU A 177 14.18 -5.94 5.40
C LEU A 177 14.84 -7.02 6.21
N THR A 178 14.83 -8.24 5.67
CA THR A 178 15.38 -9.40 6.36
C THR A 178 16.23 -10.29 5.45
N GLU A 179 17.10 -11.08 6.07
CA GLU A 179 17.92 -12.04 5.33
C GLU A 179 17.85 -13.35 6.11
N LEU A 180 17.36 -14.39 5.45
CA LEU A 180 17.26 -15.71 6.07
C LEU A 180 18.44 -16.53 5.57
N GLY A 181 19.23 -17.07 6.49
CA GLY A 181 20.37 -17.88 6.09
C GLY A 181 21.69 -17.17 6.30
N THR A 182 21.66 -16.05 7.02
CA THR A 182 22.86 -15.29 7.30
C THR A 182 23.79 -16.13 8.17
N PRO A 183 25.10 -16.13 7.85
CA PRO A 183 26.05 -16.92 8.64
C PRO A 183 26.07 -16.34 10.04
N LEU A 184 25.90 -17.20 11.05
CA LEU A 184 25.90 -16.75 12.43
C LEU A 184 26.92 -15.67 12.76
N GLU A 185 28.14 -15.82 12.22
CA GLU A 185 29.20 -14.85 12.49
C GLU A 185 29.13 -13.58 11.66
N GLU A 186 28.16 -13.48 10.78
CA GLU A 186 28.03 -12.28 9.96
C GLU A 186 26.79 -11.49 10.28
N ARG A 187 26.02 -11.96 11.25
CA ARG A 187 24.78 -11.30 11.64
C ARG A 187 24.93 -9.83 11.99
N HIS A 188 25.78 -9.51 12.96
CA HIS A 188 25.99 -8.13 13.35
C HIS A 188 26.41 -7.25 12.18
N GLN A 189 27.31 -7.77 11.34
CA GLN A 189 27.76 -7.02 10.18
C GLN A 189 26.62 -6.83 9.18
N ARG A 190 25.79 -7.85 9.03
CA ARG A 190 24.66 -7.80 8.11
C ARG A 190 23.67 -6.74 8.59
N LEU A 191 23.49 -6.64 9.91
CA LEU A 191 22.59 -5.65 10.47
C LEU A 191 23.09 -4.24 10.16
N GLU A 192 24.41 -4.07 10.20
CA GLU A 192 25.00 -2.77 9.90
C GLU A 192 24.90 -2.49 8.40
N ASP A 193 25.10 -3.53 7.60
CA ASP A 193 25.03 -3.39 6.15
C ASP A 193 23.66 -2.88 5.74
N MET A 194 22.62 -3.43 6.37
CA MET A 194 21.25 -3.03 6.07
C MET A 194 21.00 -1.58 6.47
N ALA A 195 21.31 -1.25 7.72
CA ALA A 195 21.11 0.11 8.22
C ALA A 195 21.76 1.13 7.29
N ARG A 196 22.98 0.84 6.86
CA ARG A 196 23.70 1.73 5.96
C ARG A 196 23.00 1.84 4.61
N TRP A 197 22.64 0.70 4.02
CA TRP A 197 21.97 0.73 2.73
C TRP A 197 20.66 1.51 2.79
N VAL A 198 19.94 1.36 3.89
CA VAL A 198 18.67 2.07 4.04
C VAL A 198 18.84 3.56 4.28
N LEU A 199 19.63 3.90 5.28
CA LEU A 199 19.84 5.30 5.62
C LEU A 199 20.57 6.10 4.54
N GLU A 200 21.47 5.47 3.80
CA GLU A 200 22.15 6.21 2.75
C GLU A 200 21.13 6.63 1.71
N ALA A 201 20.21 5.72 1.41
CA ALA A 201 19.17 5.98 0.43
C ALA A 201 18.13 6.95 0.96
N ALA A 202 18.06 7.11 2.28
CA ALA A 202 17.09 7.99 2.91
C ALA A 202 17.64 9.41 3.11
N GLY A 203 18.93 9.58 2.90
CA GLY A 203 19.52 10.90 3.08
C GLY A 203 19.97 11.16 4.50
N ILE A 204 20.23 10.10 5.25
CA ILE A 204 20.68 10.24 6.62
C ILE A 204 21.99 9.47 6.78
N ARG A 205 23.05 10.20 7.16
CA ARG A 205 24.37 9.60 7.30
C ARG A 205 24.86 9.47 8.73
N GLU A 206 24.32 10.29 9.62
CA GLU A 206 24.71 10.25 11.02
C GLU A 206 23.84 9.25 11.78
N PHE A 207 24.46 8.21 12.32
CA PHE A 207 23.73 7.22 13.08
C PHE A 207 24.63 6.20 13.76
N GLU A 208 24.14 5.63 14.84
CA GLU A 208 24.88 4.66 15.62
C GLU A 208 24.00 3.44 15.79
N LEU A 209 24.61 2.28 16.02
CA LEU A 209 23.84 1.06 16.22
C LEU A 209 24.07 0.64 17.65
N VAL A 210 22.97 0.44 18.38
CA VAL A 210 23.04 0.04 19.78
C VAL A 210 22.56 -1.39 19.98
N THR A 211 23.50 -2.28 20.28
CA THR A 211 23.18 -3.69 20.52
C THR A 211 22.83 -3.89 21.99
N GLU A 212 21.85 -4.74 22.25
CA GLU A 212 21.43 -4.99 23.63
C GLU A 212 21.80 -6.41 24.04
N SER A 213 21.65 -7.34 23.12
CA SER A 213 22.00 -8.75 23.38
C SER A 213 21.40 -9.30 24.65
N SER A 214 20.61 -8.49 25.35
CA SER A 214 19.99 -8.93 26.60
C SER A 214 19.02 -10.06 26.25
N VAL A 215 19.56 -11.25 26.05
CA VAL A 215 18.77 -12.42 25.69
C VAL A 215 17.56 -12.66 26.58
N VAL A 216 17.01 -13.86 26.50
CA VAL A 216 15.81 -14.20 27.28
C VAL A 216 14.72 -13.33 26.66
N TYR A 217 15.13 -12.58 25.63
CA TYR A 217 14.28 -11.68 24.88
C TYR A 217 14.87 -11.53 23.49
N GLY A 218 16.17 -11.81 23.38
CA GLY A 218 16.83 -11.73 22.09
C GLY A 218 18.01 -10.77 21.99
N ASP A 219 18.77 -10.90 20.91
CA ASP A 219 19.93 -10.05 20.66
C ASP A 219 19.45 -8.94 19.72
N THR A 220 18.81 -7.93 20.32
CA THR A 220 18.26 -6.81 19.57
C THR A 220 19.28 -5.77 19.19
N VAL A 221 18.84 -4.83 18.37
CA VAL A 221 19.67 -3.74 17.91
C VAL A 221 18.79 -2.51 17.69
N ASP A 222 19.36 -1.33 17.88
CA ASP A 222 18.64 -0.10 17.67
C ASP A 222 19.51 0.89 16.93
N VAL A 223 19.00 1.42 15.81
CA VAL A 223 19.73 2.40 15.02
C VAL A 223 19.34 3.78 15.58
N MET A 224 20.34 4.55 15.98
CA MET A 224 20.09 5.86 16.56
C MET A 224 20.70 7.02 15.79
N LYS A 225 20.13 8.19 16.01
CA LYS A 225 20.56 9.46 15.43
C LYS A 225 20.46 10.37 16.65
N GLY A 226 21.44 10.23 17.55
CA GLY A 226 21.44 11.01 18.77
C GLY A 226 20.60 10.24 19.77
N ASP A 227 19.66 10.93 20.41
CA ASP A 227 18.77 10.29 21.38
C ASP A 227 17.57 9.73 20.62
N LEU A 228 17.60 9.86 19.30
CA LEU A 228 16.49 9.39 18.46
C LEU A 228 16.66 8.04 17.75
N GLU A 229 15.61 7.23 17.81
CA GLU A 229 15.60 5.92 17.17
C GLU A 229 15.19 6.01 15.70
N LEU A 230 15.98 5.40 14.82
CA LEU A 230 15.67 5.39 13.39
C LEU A 230 15.07 4.05 13.00
N ALA A 231 15.52 3.00 13.69
CA ALA A 231 15.05 1.65 13.41
C ALA A 231 15.30 0.71 14.58
N SER A 232 14.66 -0.45 14.52
CA SER A 232 14.78 -1.46 15.55
C SER A 232 14.99 -2.78 14.81
N GLY A 233 15.97 -3.57 15.23
CA GLY A 233 16.24 -4.83 14.56
C GLY A 233 16.50 -6.02 15.47
N ALA A 234 16.52 -7.20 14.88
CA ALA A 234 16.74 -8.41 15.64
C ALA A 234 17.46 -9.45 14.80
N MET A 235 17.67 -10.61 15.39
CA MET A 235 18.33 -11.69 14.68
C MET A 235 17.94 -13.01 15.31
N GLY A 236 18.04 -14.08 14.51
CA GLY A 236 17.72 -15.40 14.98
C GLY A 236 18.99 -16.23 14.91
N PRO A 237 18.99 -17.47 15.46
CA PRO A 237 17.88 -18.12 16.15
C PRO A 237 17.18 -17.25 17.19
N HIS A 238 15.86 -17.36 17.25
CA HIS A 238 15.04 -16.60 18.17
C HIS A 238 13.98 -17.55 18.72
N PHE A 239 13.52 -17.35 19.95
CA PHE A 239 12.53 -18.26 20.51
C PHE A 239 11.19 -18.28 19.77
N LEU A 240 10.95 -17.30 18.91
CA LEU A 240 9.72 -17.28 18.15
C LEU A 240 9.81 -18.14 16.88
N ASP A 241 11.03 -18.34 16.37
CA ASP A 241 11.23 -19.12 15.16
C ASP A 241 10.55 -20.49 15.19
N GLU A 242 10.50 -21.10 16.36
CA GLU A 242 9.89 -22.42 16.55
C GLU A 242 8.47 -22.47 16.00
N LYS A 243 7.63 -21.54 16.47
CA LYS A 243 6.24 -21.47 16.06
C LYS A 243 6.11 -21.26 14.55
N TRP A 244 7.07 -20.58 13.94
CA TRP A 244 7.05 -20.32 12.51
C TRP A 244 7.84 -21.34 11.70
N GLU A 245 8.27 -22.40 12.38
CA GLU A 245 9.03 -23.46 11.73
C GLU A 245 10.25 -22.93 10.97
N ILE A 246 10.98 -22.02 11.59
CA ILE A 246 12.18 -21.47 11.01
C ILE A 246 13.33 -22.09 11.78
N PHE A 247 14.29 -22.67 11.08
CA PHE A 247 15.42 -23.32 11.73
C PHE A 247 16.77 -22.68 11.44
N ASP A 248 16.78 -21.66 10.57
CA ASP A 248 18.03 -21.01 10.22
C ASP A 248 18.29 -19.68 10.90
N PRO A 249 19.52 -19.17 10.79
CA PRO A 249 19.89 -17.89 11.40
C PRO A 249 19.35 -16.81 10.47
N TRP A 250 19.00 -15.66 11.04
CA TRP A 250 18.48 -14.58 10.22
C TRP A 250 18.71 -13.21 10.85
N VAL A 251 18.49 -12.19 10.04
CA VAL A 251 18.66 -10.80 10.44
C VAL A 251 17.48 -9.98 9.93
N GLY A 252 16.99 -9.07 10.76
CA GLY A 252 15.87 -8.24 10.38
C GLY A 252 15.96 -6.84 10.95
N LEU A 253 15.54 -5.85 10.17
CA LEU A 253 15.59 -4.46 10.62
C LEU A 253 14.34 -3.71 10.16
N GLY A 254 13.68 -3.00 11.08
CA GLY A 254 12.48 -2.27 10.74
C GLY A 254 12.54 -0.76 10.93
N PHE A 255 12.03 -0.02 9.95
CA PHE A 255 12.02 1.44 10.01
C PHE A 255 10.61 2.00 9.82
N GLY A 256 10.24 2.98 10.65
CA GLY A 256 8.96 3.64 10.52
C GLY A 256 9.28 4.82 9.62
N LEU A 257 8.77 4.81 8.39
CA LEU A 257 9.10 5.86 7.44
C LEU A 257 8.66 7.29 7.73
N GLU A 258 7.48 7.51 8.30
CA GLU A 258 7.11 8.89 8.57
C GLU A 258 7.96 9.44 9.70
N ARG A 259 8.40 8.58 10.62
CA ARG A 259 9.26 9.00 11.73
C ARG A 259 10.65 9.34 11.18
N LEU A 260 11.11 8.53 10.23
CA LEU A 260 12.41 8.76 9.60
C LEU A 260 12.34 10.13 8.93
N LEU A 261 11.24 10.37 8.22
CA LEU A 261 11.05 11.64 7.53
C LEU A 261 10.98 12.83 8.47
N MET A 262 10.23 12.69 9.56
CA MET A 262 10.12 13.77 10.53
C MET A 262 11.51 14.13 11.06
N ILE A 263 12.31 13.12 11.31
CA ILE A 263 13.66 13.30 11.83
C ILE A 263 14.59 13.97 10.81
N ARG A 264 14.59 13.47 9.58
CA ARG A 264 15.44 14.04 8.55
C ARG A 264 15.09 15.49 8.19
N GLU A 265 13.81 15.83 8.27
CA GLU A 265 13.36 17.17 7.90
C GLU A 265 13.21 18.15 9.05
N GLY A 266 13.35 17.69 10.28
CA GLY A 266 13.20 18.57 11.42
C GLY A 266 11.77 19.07 11.53
N THR A 267 10.83 18.15 11.33
CA THR A 267 9.40 18.44 11.37
C THR A 267 8.84 18.33 12.79
N GLN A 268 7.71 19.01 13.03
CA GLN A 268 7.08 19.00 14.35
C GLN A 268 6.14 17.82 14.65
N HIS A 269 5.13 17.62 13.81
CA HIS A 269 4.16 16.52 13.96
C HIS A 269 4.51 15.39 13.00
N VAL A 270 4.55 14.15 13.50
CA VAL A 270 4.87 13.03 12.63
C VAL A 270 3.75 12.88 11.57
N GLN A 271 2.59 13.47 11.86
CA GLN A 271 1.44 13.43 10.95
C GLN A 271 1.66 14.20 9.65
N SER A 272 2.49 15.24 9.69
CA SER A 272 2.71 16.08 8.51
C SER A 272 3.03 15.34 7.22
N MET A 273 3.79 14.25 7.30
CA MET A 273 4.09 13.50 6.09
C MET A 273 3.45 12.10 6.05
N ALA A 274 2.46 11.87 6.91
CA ALA A 274 1.77 10.58 6.92
C ALA A 274 0.52 10.62 6.02
N ARG A 275 -0.13 9.48 5.82
CA ARG A 275 -1.37 9.42 5.04
C ARG A 275 -2.24 10.42 5.78
N SER A 276 -2.96 11.26 5.07
CA SER A 276 -3.72 12.28 5.76
C SER A 276 -4.64 13.05 4.85
N LEU A 277 -5.62 13.72 5.45
CA LEU A 277 -6.56 14.54 4.72
C LEU A 277 -6.38 15.98 5.17
N SER A 278 -5.59 16.18 6.23
CA SER A 278 -5.38 17.52 6.73
C SER A 278 -3.99 18.06 6.39
N TYR A 279 -3.08 17.17 6.01
CA TYR A 279 -1.72 17.60 5.62
C TYR A 279 -1.41 17.01 4.25
N LEU A 280 -0.37 17.53 3.60
CA LEU A 280 0.06 17.01 2.31
C LEU A 280 1.53 17.38 2.11
N ASP A 281 2.37 16.36 2.00
CA ASP A 281 3.81 16.55 1.82
C ASP A 281 4.38 17.43 2.91
N GLY A 282 3.83 17.27 4.13
CA GLY A 282 4.30 18.03 5.28
C GLY A 282 3.67 19.39 5.48
N VAL A 283 2.73 19.75 4.62
CA VAL A 283 2.09 21.07 4.69
C VAL A 283 0.63 21.01 5.15
N ARG A 284 0.32 21.72 6.23
CA ARG A 284 -1.04 21.77 6.75
C ARG A 284 -1.87 22.44 5.66
N LEU A 285 -2.96 21.79 5.25
CA LEU A 285 -3.80 22.27 4.16
C LEU A 285 -4.66 23.52 4.30
N ASN A 286 -5.04 23.92 5.51
CA ASN A 286 -5.83 25.14 5.63
C ASN A 286 -4.87 26.32 5.43
N ILE A 287 -4.22 26.29 4.27
CA ILE A 287 -3.23 27.25 3.78
C ILE A 287 -1.81 26.85 4.18
N MET B 1 -26.78 -52.01 -33.51
CA MET B 1 -26.47 -52.27 -32.08
C MET B 1 -25.85 -51.03 -31.46
N PHE B 2 -25.98 -49.91 -32.18
CA PHE B 2 -25.43 -48.65 -31.74
C PHE B 2 -26.36 -47.92 -30.77
N LEU B 3 -27.34 -48.64 -30.23
CA LEU B 3 -28.28 -48.05 -29.28
C LEU B 3 -27.47 -47.49 -28.11
N THR B 4 -26.59 -48.33 -27.56
CA THR B 4 -25.71 -47.94 -26.46
C THR B 4 -26.32 -47.13 -25.32
N ARG B 5 -26.33 -47.73 -24.13
CA ARG B 5 -26.85 -47.07 -22.94
C ARG B 5 -25.69 -46.33 -22.29
N ARG B 6 -24.48 -46.81 -22.59
CA ARG B 6 -23.25 -46.24 -22.04
C ARG B 6 -23.17 -44.73 -22.13
N ASP B 7 -22.35 -44.15 -21.25
CA ASP B 7 -22.16 -42.71 -21.19
C ASP B 7 -21.25 -42.23 -22.30
N PRO B 8 -21.26 -40.92 -22.58
CA PRO B 8 -20.43 -40.34 -23.64
C PRO B 8 -18.95 -40.60 -23.38
N PRO B 9 -18.10 -40.42 -24.40
CA PRO B 9 -16.65 -40.64 -24.23
C PRO B 9 -15.98 -39.49 -23.48
N LEU B 10 -15.00 -39.82 -22.66
CA LEU B 10 -14.28 -38.82 -21.88
C LEU B 10 -15.23 -38.08 -20.94
N SER B 11 -15.99 -38.83 -20.16
CA SER B 11 -16.96 -38.26 -19.22
C SER B 11 -16.39 -37.95 -17.84
N SER B 12 -15.21 -38.47 -17.52
CA SER B 12 -14.59 -38.22 -16.22
C SER B 12 -13.78 -36.93 -16.23
N PHE B 13 -14.25 -35.94 -15.46
CA PHE B 13 -13.58 -34.65 -15.38
C PHE B 13 -12.84 -34.45 -14.07
N TRP B 14 -12.15 -33.32 -13.94
CA TRP B 14 -11.40 -33.01 -12.72
C TRP B 14 -12.32 -32.97 -11.51
N THR B 15 -11.79 -33.37 -10.35
CA THR B 15 -12.56 -33.29 -9.12
C THR B 15 -12.40 -31.81 -8.79
N LYS B 16 -13.32 -31.27 -7.99
CA LYS B 16 -13.26 -29.86 -7.63
C LYS B 16 -11.89 -29.48 -7.10
N VAL B 17 -11.26 -30.37 -6.33
CA VAL B 17 -9.95 -30.07 -5.77
C VAL B 17 -8.83 -30.05 -6.84
N GLN B 18 -8.93 -30.93 -7.83
CA GLN B 18 -7.94 -30.98 -8.91
C GLN B 18 -8.11 -29.72 -9.75
N TYR B 19 -9.36 -29.38 -10.01
CA TYR B 19 -9.70 -28.20 -10.79
C TYR B 19 -9.13 -26.93 -10.11
N GLN B 20 -9.33 -26.82 -8.80
CA GLN B 20 -8.84 -25.66 -8.06
C GLN B 20 -7.31 -25.58 -8.10
N ARG B 21 -6.66 -26.72 -7.97
CA ARG B 21 -5.21 -26.79 -7.99
C ARG B 21 -4.68 -26.31 -9.35
N LEU B 22 -5.27 -26.81 -10.42
CA LEU B 22 -4.86 -26.43 -11.77
C LEU B 22 -5.08 -24.94 -11.98
N LYS B 23 -6.12 -24.39 -11.34
CA LYS B 23 -6.40 -22.97 -11.47
C LYS B 23 -5.36 -22.14 -10.75
N GLU B 24 -4.97 -22.56 -9.54
CA GLU B 24 -3.95 -21.84 -8.77
C GLU B 24 -2.63 -21.83 -9.53
N LEU B 25 -2.41 -22.88 -10.31
CA LEU B 25 -1.18 -23.02 -11.10
C LEU B 25 -1.35 -22.39 -12.46
N ASN B 26 -2.44 -21.64 -12.64
CA ASN B 26 -2.73 -20.96 -13.90
C ASN B 26 -2.78 -21.85 -15.14
N ALA B 27 -3.49 -22.97 -15.03
CA ALA B 27 -3.64 -23.88 -16.15
C ALA B 27 -4.51 -23.16 -17.19
N SER B 28 -4.52 -23.68 -18.41
CA SER B 28 -5.33 -23.06 -19.45
C SER B 28 -6.77 -23.51 -19.35
N GLY B 29 -7.66 -22.72 -19.95
CA GLY B 29 -9.07 -23.07 -19.95
C GLY B 29 -9.26 -24.40 -20.65
N GLU B 30 -8.40 -24.71 -21.62
CA GLU B 30 -8.51 -25.99 -22.33
C GLU B 30 -8.16 -27.10 -21.35
N GLN B 31 -7.06 -26.95 -20.62
CA GLN B 31 -6.65 -27.94 -19.65
C GLN B 31 -7.73 -28.11 -18.57
N LEU B 32 -8.35 -27.00 -18.16
CA LEU B 32 -9.39 -27.05 -17.13
C LEU B 32 -10.62 -27.81 -17.60
N GLU B 33 -10.84 -27.87 -18.91
CA GLU B 33 -12.02 -28.54 -19.45
C GLU B 33 -11.78 -29.94 -19.98
N MET B 34 -10.65 -30.55 -19.63
CA MET B 34 -10.33 -31.90 -20.09
C MET B 34 -11.11 -33.02 -19.43
N GLY B 35 -11.54 -33.98 -20.26
CA GLY B 35 -12.27 -35.12 -19.78
C GLY B 35 -11.47 -36.38 -20.08
N PHE B 36 -11.68 -37.42 -19.29
CA PHE B 36 -10.95 -38.66 -19.46
C PHE B 36 -11.88 -39.87 -19.45
N SER B 37 -11.36 -41.01 -19.89
CA SER B 37 -12.15 -42.24 -19.94
C SER B 37 -12.52 -42.79 -18.57
N ASP B 38 -11.74 -42.44 -17.55
CA ASP B 38 -11.99 -42.93 -16.20
C ASP B 38 -11.18 -42.12 -15.19
N ALA B 39 -11.49 -42.30 -13.92
CA ALA B 39 -10.82 -41.59 -12.82
C ALA B 39 -9.32 -41.81 -12.71
N LEU B 40 -8.88 -43.05 -12.88
CA LEU B 40 -7.45 -43.33 -12.77
C LEU B 40 -6.67 -42.64 -13.87
N SER B 41 -7.19 -42.68 -15.09
CA SER B 41 -6.52 -42.02 -16.20
C SER B 41 -6.51 -40.52 -15.97
N ARG B 42 -7.59 -40.00 -15.39
CA ARG B 42 -7.68 -38.57 -15.10
C ARG B 42 -6.71 -38.18 -13.99
N ASP B 43 -6.69 -38.97 -12.92
CA ASP B 43 -5.78 -38.70 -11.81
C ASP B 43 -4.35 -38.70 -12.36
N ARG B 44 -4.05 -39.68 -13.22
CA ARG B 44 -2.73 -39.78 -13.82
C ARG B 44 -2.41 -38.53 -14.62
N ALA B 45 -3.33 -38.13 -15.47
CA ALA B 45 -3.13 -36.93 -16.27
C ALA B 45 -2.93 -35.71 -15.39
N PHE B 46 -3.74 -35.60 -14.34
CA PHE B 46 -3.66 -34.48 -13.42
C PHE B 46 -2.26 -34.27 -12.89
N GLN B 47 -1.66 -35.37 -12.45
CA GLN B 47 -0.32 -35.39 -11.90
C GLN B 47 0.68 -34.85 -12.91
N GLY B 48 0.55 -35.27 -14.15
CA GLY B 48 1.46 -34.83 -15.20
C GLY B 48 1.33 -33.35 -15.52
N ILE B 49 0.09 -32.87 -15.63
CA ILE B 49 -0.15 -31.46 -15.92
C ILE B 49 0.30 -30.60 -14.73
N GLU B 50 -0.06 -31.00 -13.52
CA GLU B 50 0.35 -30.24 -12.36
C GLU B 50 1.86 -30.10 -12.37
N HIS B 51 2.55 -31.21 -12.56
CA HIS B 51 4.00 -31.27 -12.59
C HIS B 51 4.61 -30.21 -13.50
N GLN B 52 4.07 -30.10 -14.71
CA GLN B 52 4.52 -29.12 -15.69
C GLN B 52 4.21 -27.70 -15.23
N LEU B 53 3.05 -27.51 -14.62
CA LEU B 53 2.68 -26.17 -14.15
C LEU B 53 3.57 -25.75 -13.00
N MET B 54 3.88 -26.67 -12.11
CA MET B 54 4.73 -26.33 -10.98
C MET B 54 6.11 -25.94 -11.50
N SER B 55 6.57 -26.66 -12.51
CA SER B 55 7.87 -26.39 -13.11
C SER B 55 7.88 -24.98 -13.69
N GLN B 56 6.85 -24.65 -14.47
CA GLN B 56 6.74 -23.32 -15.06
C GLN B 56 6.72 -22.25 -13.97
N GLY B 57 5.99 -22.52 -12.89
CA GLY B 57 5.92 -21.56 -11.79
C GLY B 57 7.26 -21.29 -11.14
N LYS B 58 8.05 -22.34 -10.95
CA LYS B 58 9.38 -22.21 -10.36
C LYS B 58 10.29 -21.36 -11.24
N ARG B 59 10.19 -21.54 -12.56
CA ARG B 59 11.01 -20.76 -13.50
C ARG B 59 10.63 -19.29 -13.40
N HIS B 60 9.32 -19.02 -13.36
CA HIS B 60 8.84 -17.66 -13.26
C HIS B 60 9.44 -16.99 -12.03
N LEU B 61 9.43 -17.72 -10.91
CA LEU B 61 9.96 -17.17 -9.67
C LEU B 61 11.46 -16.86 -9.74
N GLU B 62 12.18 -17.64 -10.54
CA GLU B 62 13.62 -17.42 -10.70
C GLU B 62 13.86 -16.04 -11.27
N GLN B 63 13.02 -15.69 -12.24
CA GLN B 63 13.06 -14.41 -12.89
C GLN B 63 12.90 -13.31 -11.83
N LEU B 64 12.01 -13.55 -10.88
CA LEU B 64 11.73 -12.62 -9.80
C LEU B 64 12.92 -12.45 -8.87
N ARG B 65 13.57 -13.55 -8.51
CA ARG B 65 14.71 -13.48 -7.59
C ARG B 65 16.03 -12.93 -8.16
N THR B 66 16.29 -13.14 -9.45
CA THR B 66 17.54 -12.67 -10.02
C THR B 66 17.39 -11.49 -10.96
N VAL B 67 16.17 -11.26 -11.45
CA VAL B 67 15.94 -10.16 -12.37
C VAL B 67 15.10 -9.01 -11.85
N LYS B 68 13.78 -9.21 -11.74
CA LYS B 68 12.91 -8.14 -11.29
C LYS B 68 13.06 -7.65 -9.85
N HIS B 69 13.17 -8.57 -8.90
CA HIS B 69 13.31 -8.21 -7.49
C HIS B 69 11.99 -7.65 -6.92
N ARG B 70 10.92 -7.72 -7.71
CA ARG B 70 9.61 -7.26 -7.27
C ARG B 70 8.49 -7.85 -8.11
N PRO B 71 7.37 -8.19 -7.48
CA PRO B 71 6.21 -8.77 -8.16
C PRO B 71 5.49 -7.78 -9.06
N ALA B 72 4.68 -8.31 -9.96
CA ALA B 72 3.92 -7.55 -10.94
C ALA B 72 3.13 -6.38 -10.40
N LEU B 73 2.44 -6.59 -9.27
CA LEU B 73 1.64 -5.52 -8.69
C LEU B 73 2.51 -4.32 -8.39
N LEU B 74 3.67 -4.54 -7.79
CA LEU B 74 4.56 -3.43 -7.44
C LEU B 74 5.21 -2.82 -8.67
N GLU B 75 5.54 -3.64 -9.66
CA GLU B 75 6.16 -3.16 -10.88
C GLU B 75 5.14 -2.32 -11.63
N LEU B 76 3.89 -2.80 -11.63
CA LEU B 76 2.80 -2.10 -12.29
C LEU B 76 2.57 -0.77 -11.58
N GLU B 77 2.57 -0.80 -10.24
CA GLU B 77 2.35 0.40 -9.45
C GLU B 77 3.35 1.51 -9.76
N GLU B 78 4.63 1.17 -9.83
CA GLU B 78 5.63 2.18 -10.12
C GLU B 78 5.47 2.67 -11.56
N LYS B 79 5.17 1.74 -12.46
CA LYS B 79 4.98 2.00 -13.88
C LYS B 79 3.86 3.01 -14.13
N LEU B 80 2.73 2.81 -13.47
CA LEU B 80 1.59 3.69 -13.64
C LEU B 80 1.83 5.07 -13.04
N ALA B 81 2.48 5.11 -11.88
CA ALA B 81 2.76 6.38 -11.21
C ALA B 81 3.67 7.27 -12.05
N LYS B 82 4.78 6.72 -12.54
CA LYS B 82 5.70 7.50 -13.36
C LYS B 82 5.00 8.07 -14.60
N ALA B 83 4.19 7.25 -15.25
CA ALA B 83 3.48 7.68 -16.45
C ALA B 83 2.53 8.85 -16.19
N LEU B 84 1.95 8.91 -15.00
CA LEU B 84 1.03 10.00 -14.68
C LEU B 84 1.78 11.23 -14.20
N HIS B 85 2.94 11.02 -13.60
CA HIS B 85 3.77 12.12 -13.12
C HIS B 85 4.23 12.88 -14.37
N GLN B 86 4.48 12.13 -15.44
CA GLN B 86 4.96 12.70 -16.70
C GLN B 86 3.83 13.47 -17.39
N GLN B 87 2.61 13.28 -16.91
CA GLN B 87 1.46 13.99 -17.48
C GLN B 87 0.99 15.05 -16.50
N GLY B 88 1.86 15.41 -15.57
CA GLY B 88 1.54 16.45 -14.60
C GLY B 88 0.63 16.09 -13.44
N PHE B 89 0.23 14.83 -13.33
CA PHE B 89 -0.63 14.40 -12.23
C PHE B 89 0.13 14.34 -10.92
N VAL B 90 -0.46 14.90 -9.87
CA VAL B 90 0.16 14.90 -8.55
C VAL B 90 -0.36 13.70 -7.76
N GLN B 91 0.56 12.84 -7.35
CA GLN B 91 0.18 11.65 -6.58
C GLN B 91 0.00 11.97 -5.10
N VAL B 92 -1.07 11.43 -4.50
CA VAL B 92 -1.31 11.65 -3.07
C VAL B 92 -1.50 10.31 -2.36
N VAL B 93 -1.29 10.30 -1.05
CA VAL B 93 -1.46 9.10 -0.25
C VAL B 93 -2.27 9.51 1.00
N THR B 94 -3.48 8.96 1.09
CA THR B 94 -4.41 9.29 2.14
C THR B 94 -4.81 8.13 3.07
N PRO B 95 -5.48 8.44 4.19
CA PRO B 95 -5.92 7.41 5.16
C PRO B 95 -6.71 6.26 4.55
N THR B 96 -6.42 5.05 5.01
CA THR B 96 -7.18 3.90 4.56
C THR B 96 -8.37 3.75 5.52
N ILE B 97 -8.29 4.41 6.69
CA ILE B 97 -9.41 4.36 7.64
C ILE B 97 -10.20 5.67 7.45
N ILE B 98 -11.45 5.57 7.04
CA ILE B 98 -12.27 6.76 6.85
C ILE B 98 -13.48 6.77 7.79
N THR B 99 -14.21 7.88 7.84
CA THR B 99 -15.36 7.97 8.73
C THR B 99 -16.68 7.61 8.06
N LYS B 100 -17.67 7.33 8.89
CA LYS B 100 -19.02 6.99 8.46
C LYS B 100 -19.66 8.18 7.73
N SER B 101 -19.34 9.38 8.17
CA SER B 101 -19.90 10.57 7.54
C SER B 101 -19.37 10.71 6.12
N ALA B 102 -18.07 10.47 5.95
CA ALA B 102 -17.47 10.57 4.63
C ALA B 102 -18.15 9.54 3.74
N LEU B 103 -18.26 8.33 4.25
CA LEU B 103 -18.88 7.24 3.52
C LEU B 103 -20.32 7.57 3.13
N ALA B 104 -21.06 8.15 4.06
CA ALA B 104 -22.46 8.52 3.81
C ALA B 104 -22.60 9.48 2.63
N LYS B 105 -21.70 10.45 2.54
CA LYS B 105 -21.72 11.43 1.46
C LYS B 105 -21.50 10.81 0.07
N MET B 106 -21.23 9.51 0.04
CA MET B 106 -20.99 8.83 -1.22
C MET B 106 -22.23 8.20 -1.85
N THR B 107 -23.36 8.30 -1.16
CA THR B 107 -24.62 7.74 -1.66
C THR B 107 -25.78 8.72 -1.53
N HIS B 112 -26.56 3.42 3.28
CA HIS B 112 -27.25 2.57 2.33
C HIS B 112 -26.53 1.22 2.14
N PRO B 113 -26.84 0.46 1.07
CA PRO B 113 -26.15 -0.83 0.88
C PRO B 113 -24.63 -0.87 0.98
N LEU B 114 -23.94 0.21 0.64
CA LEU B 114 -22.49 0.19 0.73
C LEU B 114 -22.02 0.06 2.17
N PHE B 115 -22.91 0.40 3.11
CA PHE B 115 -22.62 0.31 4.53
C PHE B 115 -22.48 -1.15 4.95
N SER B 116 -23.17 -2.02 4.23
CA SER B 116 -23.10 -3.45 4.52
C SER B 116 -21.94 -4.11 3.79
N GLN B 117 -21.29 -3.36 2.91
CA GLN B 117 -20.18 -3.92 2.15
C GLN B 117 -18.81 -3.48 2.61
N VAL B 118 -18.76 -2.71 3.70
CA VAL B 118 -17.48 -2.23 4.21
C VAL B 118 -17.10 -2.88 5.52
N PHE B 119 -15.81 -2.95 5.78
CA PHE B 119 -15.31 -3.50 7.02
C PHE B 119 -15.29 -2.37 8.04
N TRP B 120 -16.20 -2.43 9.01
CA TRP B 120 -16.26 -1.41 10.07
C TRP B 120 -15.30 -1.77 11.19
N LEU B 121 -14.77 -0.75 11.84
CA LEU B 121 -13.85 -0.93 12.95
C LEU B 121 -14.61 -0.62 14.25
N ASP B 122 -15.60 0.26 14.13
CA ASP B 122 -16.45 0.63 15.26
C ASP B 122 -17.64 1.38 14.67
N GLY B 123 -18.40 2.07 15.49
CA GLY B 123 -19.57 2.77 14.99
C GLY B 123 -19.34 3.93 14.05
N LYS B 124 -18.15 4.53 14.06
CA LYS B 124 -17.87 5.69 13.22
C LYS B 124 -16.72 5.54 12.24
N LYS B 125 -15.98 4.43 12.31
CA LYS B 125 -14.84 4.24 11.41
C LYS B 125 -14.91 2.94 10.64
N CYS B 126 -14.36 2.97 9.42
CA CYS B 126 -14.33 1.80 8.57
C CYS B 126 -13.18 1.89 7.58
N LEU B 127 -12.85 0.76 6.97
CA LEU B 127 -11.79 0.74 5.96
C LEU B 127 -12.38 1.26 4.67
N ARG B 128 -11.69 2.19 4.03
CA ARG B 128 -12.17 2.75 2.77
C ARG B 128 -12.48 1.69 1.73
N PRO B 129 -13.67 1.76 1.11
CA PRO B 129 -14.06 0.80 0.08
C PRO B 129 -13.62 1.35 -1.28
N MET B 130 -13.32 2.64 -1.32
CA MET B 130 -12.87 3.29 -2.54
C MET B 130 -12.07 4.53 -2.18
N LEU B 131 -11.42 5.12 -3.18
CA LEU B 131 -10.58 6.30 -2.95
C LEU B 131 -11.30 7.63 -3.10
N ALA B 132 -12.46 7.61 -3.76
CA ALA B 132 -13.23 8.82 -4.01
C ALA B 132 -13.39 9.83 -2.86
N PRO B 133 -14.04 9.44 -1.76
CA PRO B 133 -14.21 10.40 -0.66
C PRO B 133 -12.96 11.17 -0.27
N ASN B 134 -11.83 10.48 -0.19
CA ASN B 134 -10.58 11.13 0.18
C ASN B 134 -10.09 12.11 -0.89
N LEU B 135 -10.28 11.76 -2.15
CA LEU B 135 -9.86 12.63 -3.24
C LEU B 135 -10.80 13.85 -3.30
N TYR B 136 -12.06 13.65 -2.94
CA TYR B 136 -13.02 14.74 -2.92
C TYR B 136 -12.52 15.78 -1.93
N THR B 137 -12.08 15.29 -0.78
CA THR B 137 -11.56 16.14 0.29
C THR B 137 -10.36 16.94 -0.20
N LEU B 138 -9.40 16.26 -0.80
CA LEU B 138 -8.21 16.94 -1.31
C LEU B 138 -8.58 17.96 -2.40
N TRP B 139 -9.59 17.65 -3.19
CA TRP B 139 -10.03 18.58 -4.22
C TRP B 139 -10.40 19.90 -3.56
N ARG B 140 -11.31 19.82 -2.59
CA ARG B 140 -11.79 20.98 -1.87
C ARG B 140 -10.66 21.80 -1.26
N GLU B 141 -9.61 21.14 -0.79
CA GLU B 141 -8.49 21.85 -0.18
C GLU B 141 -7.55 22.45 -1.23
N LEU B 142 -7.16 21.62 -2.20
CA LEU B 142 -6.25 22.06 -3.25
C LEU B 142 -6.80 23.16 -4.15
N GLU B 143 -8.11 23.13 -4.42
CA GLU B 143 -8.73 24.14 -5.27
C GLU B 143 -8.58 25.55 -4.69
N ARG B 144 -8.36 25.62 -3.38
CA ARG B 144 -8.17 26.90 -2.69
C ARG B 144 -6.74 27.42 -2.74
N LEU B 145 -5.82 26.56 -3.19
CA LEU B 145 -4.41 26.94 -3.26
C LEU B 145 -3.83 26.84 -4.66
N TRP B 146 -4.46 26.03 -5.50
CA TRP B 146 -3.98 25.83 -6.85
C TRP B 146 -4.98 26.25 -7.92
N ASP B 147 -4.44 26.57 -9.10
CA ASP B 147 -5.25 26.97 -10.24
C ASP B 147 -5.73 25.75 -10.98
N LYS B 148 -6.98 25.79 -11.43
CA LYS B 148 -7.54 24.68 -12.18
C LYS B 148 -6.98 24.72 -13.60
N PRO B 149 -6.91 23.57 -14.29
CA PRO B 149 -7.34 22.24 -13.80
C PRO B 149 -6.34 21.60 -12.82
N ILE B 150 -6.88 20.94 -11.80
CA ILE B 150 -6.05 20.28 -10.80
C ILE B 150 -6.04 18.76 -11.07
N ARG B 151 -4.85 18.23 -11.34
CA ARG B 151 -4.70 16.80 -11.62
C ARG B 151 -4.15 16.04 -10.42
N ILE B 152 -4.96 15.12 -9.91
CA ILE B 152 -4.58 14.34 -8.74
C ILE B 152 -4.91 12.85 -8.88
N PHE B 153 -4.09 11.98 -8.30
CA PHE B 153 -4.37 10.55 -8.36
C PHE B 153 -3.77 9.85 -7.15
N GLU B 154 -4.31 8.67 -6.85
CA GLU B 154 -3.81 7.84 -5.76
C GLU B 154 -3.90 6.37 -6.16
N ILE B 155 -2.92 5.61 -5.73
CA ILE B 155 -2.87 4.17 -6.00
C ILE B 155 -2.84 3.60 -4.59
N GLY B 156 -3.85 2.82 -4.22
CA GLY B 156 -3.80 2.29 -2.87
C GLY B 156 -4.86 1.27 -2.51
N THR B 157 -4.58 0.55 -1.44
CA THR B 157 -5.44 -0.50 -0.96
C THR B 157 -6.82 -0.02 -0.54
N CYS B 158 -7.83 -0.74 -1.02
CA CYS B 158 -9.22 -0.49 -0.70
C CYS B 158 -9.74 -1.85 -0.24
N TYR B 159 -10.87 -1.83 0.48
CA TYR B 159 -11.41 -3.06 1.04
C TYR B 159 -12.93 -3.16 0.91
N ARG B 160 -13.40 -4.35 0.58
CA ARG B 160 -14.83 -4.62 0.45
C ARG B 160 -15.09 -6.04 0.94
N LYS B 161 -16.16 -6.22 1.73
CA LYS B 161 -16.50 -7.54 2.24
C LYS B 161 -17.04 -8.40 1.10
N GLU B 162 -17.55 -7.75 0.06
CA GLU B 162 -18.02 -8.46 -1.11
C GLU B 162 -18.07 -7.56 -2.33
N SER B 163 -18.16 -8.17 -3.51
CA SER B 163 -18.19 -7.40 -4.75
C SER B 163 -18.91 -8.14 -5.86
N GLN B 164 -18.92 -7.51 -7.04
CA GLN B 164 -19.53 -8.09 -8.22
C GLN B 164 -18.54 -9.09 -8.82
N GLY B 165 -18.77 -9.50 -10.05
CA GLY B 165 -17.87 -10.44 -10.70
C GLY B 165 -17.87 -11.82 -10.04
N ALA B 166 -17.26 -12.78 -10.71
CA ALA B 166 -17.19 -14.15 -10.20
C ALA B 166 -16.16 -14.35 -9.09
N GLN B 167 -15.22 -13.42 -8.95
CA GLN B 167 -14.20 -13.55 -7.91
C GLN B 167 -14.23 -12.37 -6.96
N HIS B 168 -13.58 -12.51 -5.81
CA HIS B 168 -13.56 -11.44 -4.82
C HIS B 168 -12.23 -11.29 -4.07
N LEU B 169 -11.84 -10.04 -3.83
CA LEU B 169 -10.63 -9.73 -3.07
C LEU B 169 -11.09 -8.82 -1.92
N ASN B 170 -10.81 -9.18 -0.68
CA ASN B 170 -11.19 -8.32 0.44
C ASN B 170 -10.28 -7.12 0.41
N GLU B 171 -9.03 -7.34 0.00
CA GLU B 171 -8.03 -6.27 -0.10
C GLU B 171 -7.67 -6.12 -1.57
N PHE B 172 -7.87 -4.93 -2.13
CA PHE B 172 -7.55 -4.72 -3.53
C PHE B 172 -6.89 -3.36 -3.71
N THR B 173 -6.16 -3.22 -4.82
CA THR B 173 -5.45 -1.99 -5.10
C THR B 173 -6.17 -1.21 -6.18
N MET B 174 -6.47 0.05 -5.87
CA MET B 174 -7.17 0.92 -6.80
C MET B 174 -6.26 2.05 -7.22
N LEU B 175 -6.39 2.41 -8.50
CA LEU B 175 -5.69 3.55 -9.08
C LEU B 175 -6.87 4.43 -9.42
N ASN B 176 -6.86 5.66 -8.97
CA ASN B 176 -7.95 6.55 -9.28
C ASN B 176 -7.34 7.87 -9.68
N LEU B 177 -7.42 8.21 -10.96
CA LEU B 177 -6.86 9.48 -11.40
C LEU B 177 -7.99 10.44 -11.74
N THR B 178 -7.73 11.71 -11.48
CA THR B 178 -8.77 12.72 -11.69
C THR B 178 -8.22 14.04 -12.12
N GLU B 179 -9.12 14.86 -12.66
CA GLU B 179 -8.79 16.21 -13.07
C GLU B 179 -9.99 17.04 -12.65
N LEU B 180 -9.73 18.08 -11.87
CA LEU B 180 -10.76 18.98 -11.40
C LEU B 180 -10.62 20.27 -12.19
N GLY B 181 -11.69 20.68 -12.86
CA GLY B 181 -11.65 21.90 -13.65
C GLY B 181 -11.60 21.61 -15.13
N THR B 182 -11.97 20.39 -15.51
CA THR B 182 -11.97 20.00 -16.91
C THR B 182 -13.06 20.78 -17.65
N PRO B 183 -12.75 21.31 -18.84
CA PRO B 183 -13.76 22.07 -19.61
C PRO B 183 -14.86 21.07 -19.98
N LEU B 184 -16.12 21.41 -19.68
CA LEU B 184 -17.23 20.51 -19.99
C LEU B 184 -17.10 19.79 -21.32
N GLU B 185 -16.91 20.56 -22.38
CA GLU B 185 -16.80 20.01 -23.73
C GLU B 185 -15.63 19.06 -23.96
N GLU B 186 -14.69 19.02 -23.01
CA GLU B 186 -13.54 18.12 -23.16
C GLU B 186 -13.55 16.94 -22.20
N ARG B 187 -14.57 16.85 -21.36
CA ARG B 187 -14.65 15.75 -20.38
C ARG B 187 -14.49 14.36 -20.99
N HIS B 188 -15.32 14.03 -21.98
CA HIS B 188 -15.26 12.73 -22.63
C HIS B 188 -13.87 12.42 -23.22
N GLN B 189 -13.19 13.44 -23.73
CA GLN B 189 -11.86 13.24 -24.30
C GLN B 189 -10.79 13.08 -23.21
N ARG B 190 -10.98 13.71 -22.06
CA ARG B 190 -10.03 13.56 -20.97
C ARG B 190 -10.06 12.13 -20.47
N LEU B 191 -11.27 11.62 -20.23
CA LEU B 191 -11.43 10.25 -19.78
C LEU B 191 -10.70 9.33 -20.75
N GLU B 192 -10.82 9.61 -22.05
CA GLU B 192 -10.12 8.81 -23.06
C GLU B 192 -8.62 8.91 -22.85
N ASP B 193 -8.13 10.14 -22.75
CA ASP B 193 -6.71 10.38 -22.54
C ASP B 193 -6.19 9.58 -21.36
N MET B 194 -6.87 9.73 -20.22
CA MET B 194 -6.50 9.03 -19.00
C MET B 194 -6.44 7.52 -19.22
N ALA B 195 -7.49 6.98 -19.81
CA ALA B 195 -7.56 5.55 -20.08
C ALA B 195 -6.33 5.11 -20.90
N ARG B 196 -6.08 5.82 -21.98
CA ARG B 196 -4.96 5.52 -22.86
C ARG B 196 -3.62 5.61 -22.13
N TRP B 197 -3.40 6.69 -21.38
CA TRP B 197 -2.15 6.84 -20.65
C TRP B 197 -1.91 5.65 -19.73
N VAL B 198 -2.96 5.29 -19.00
CA VAL B 198 -2.89 4.18 -18.06
C VAL B 198 -2.74 2.82 -18.73
N LEU B 199 -3.64 2.51 -19.66
CA LEU B 199 -3.58 1.24 -20.34
C LEU B 199 -2.28 1.06 -21.12
N GLU B 200 -1.72 2.16 -21.61
CA GLU B 200 -0.47 2.06 -22.35
C GLU B 200 0.66 1.74 -21.37
N ALA B 201 0.66 2.40 -20.24
CA ALA B 201 1.68 2.16 -19.24
C ALA B 201 1.52 0.73 -18.68
N ALA B 202 0.29 0.23 -18.69
CA ALA B 202 0.01 -1.12 -18.17
C ALA B 202 0.23 -2.23 -19.20
N GLY B 203 0.80 -1.89 -20.35
CA GLY B 203 1.02 -2.90 -21.36
C GLY B 203 -0.23 -3.56 -21.91
N ILE B 204 -1.30 -2.80 -22.01
CA ILE B 204 -2.55 -3.32 -22.55
C ILE B 204 -2.87 -2.47 -23.77
N ARG B 205 -2.89 -3.10 -24.95
CA ARG B 205 -3.13 -2.38 -26.18
C ARG B 205 -4.45 -2.71 -26.88
N GLU B 206 -5.24 -3.59 -26.26
CA GLU B 206 -6.53 -3.98 -26.82
C GLU B 206 -7.63 -3.66 -25.82
N PHE B 207 -8.46 -2.67 -26.13
CA PHE B 207 -9.55 -2.28 -25.24
C PHE B 207 -10.55 -1.37 -25.94
N GLU B 208 -11.75 -1.28 -25.38
CA GLU B 208 -12.80 -0.44 -25.93
C GLU B 208 -13.39 0.47 -24.86
N LEU B 209 -13.91 1.62 -25.29
CA LEU B 209 -14.51 2.57 -24.36
C LEU B 209 -16.02 2.51 -24.46
N VAL B 210 -16.67 2.19 -23.35
CA VAL B 210 -18.13 2.07 -23.33
C VAL B 210 -18.75 3.22 -22.54
N THR B 211 -19.49 4.08 -23.24
CA THR B 211 -20.14 5.22 -22.61
C THR B 211 -21.63 4.98 -22.38
N GLU B 212 -22.10 5.32 -21.18
CA GLU B 212 -23.49 5.17 -20.80
C GLU B 212 -23.87 6.44 -20.06
N SER B 213 -25.17 6.70 -19.91
CA SER B 213 -25.61 7.89 -19.21
C SER B 213 -27.11 7.86 -19.00
N SER B 214 -27.51 7.78 -17.73
CA SER B 214 -28.93 7.75 -17.40
C SER B 214 -29.19 8.25 -15.99
N VAL B 215 -30.09 9.23 -15.89
CA VAL B 215 -30.48 9.85 -14.62
C VAL B 215 -29.26 10.02 -13.72
N VAL B 216 -29.48 10.03 -12.41
CA VAL B 216 -28.38 10.19 -11.46
C VAL B 216 -27.44 9.00 -11.52
N GLY B 218 -25.04 9.58 -14.02
CA GLY B 218 -24.81 10.52 -15.10
C GLY B 218 -24.06 9.88 -16.25
N ASP B 219 -23.15 10.62 -16.86
CA ASP B 219 -22.36 10.12 -17.98
C ASP B 219 -21.18 9.31 -17.46
N THR B 220 -21.16 8.02 -17.76
CA THR B 220 -20.08 7.14 -17.33
C THR B 220 -19.37 6.53 -18.53
N VAL B 221 -18.06 6.31 -18.38
CA VAL B 221 -17.25 5.72 -19.43
C VAL B 221 -16.55 4.48 -18.88
N ASP B 222 -17.04 3.31 -19.25
CA ASP B 222 -16.47 2.04 -18.79
C ASP B 222 -15.48 1.46 -19.78
N VAL B 223 -14.21 1.41 -19.40
CA VAL B 223 -13.16 0.87 -20.26
C VAL B 223 -13.19 -0.66 -20.18
N MET B 224 -13.08 -1.33 -21.33
CA MET B 224 -13.12 -2.79 -21.34
C MET B 224 -12.38 -3.46 -22.49
N LYS B 225 -12.11 -4.75 -22.31
CA LYS B 225 -11.47 -5.57 -23.32
C LYS B 225 -12.48 -6.68 -23.50
N GLY B 226 -13.18 -6.67 -24.63
CA GLY B 226 -14.20 -7.68 -24.86
C GLY B 226 -15.27 -7.50 -23.78
N ASP B 227 -15.66 -8.59 -23.13
CA ASP B 227 -16.67 -8.54 -22.08
C ASP B 227 -15.96 -8.37 -20.73
N LEU B 228 -14.77 -7.78 -20.76
CA LEU B 228 -14.00 -7.58 -19.55
C LEU B 228 -13.83 -6.12 -19.16
N GLU B 229 -14.34 -5.76 -17.99
CA GLU B 229 -14.22 -4.38 -17.52
C GLU B 229 -12.85 -4.16 -16.92
N LEU B 230 -12.16 -3.11 -17.38
CA LEU B 230 -10.84 -2.79 -16.89
C LEU B 230 -10.85 -1.53 -16.03
N ALA B 231 -11.89 -0.72 -16.16
CA ALA B 231 -11.99 0.52 -15.40
C ALA B 231 -13.31 1.24 -15.59
N SER B 232 -13.66 2.07 -14.61
CA SER B 232 -14.89 2.84 -14.65
C SER B 232 -14.59 4.31 -14.35
N GLY B 233 -15.04 5.18 -15.25
CA GLY B 233 -14.82 6.61 -15.07
C GLY B 233 -16.13 7.33 -14.83
N ALA B 234 -16.08 8.42 -14.07
CA ALA B 234 -17.28 9.21 -13.78
C ALA B 234 -17.05 10.63 -14.26
N MET B 235 -18.08 11.47 -14.13
CA MET B 235 -18.01 12.84 -14.63
C MET B 235 -18.77 13.85 -13.78
N GLY B 236 -18.22 15.05 -13.67
CA GLY B 236 -18.88 16.11 -12.92
C GLY B 236 -19.21 17.28 -13.84
N PRO B 237 -20.19 18.15 -13.49
CA PRO B 237 -21.01 18.13 -12.28
C PRO B 237 -21.75 16.81 -12.07
N HIS B 238 -21.66 16.30 -10.86
CA HIS B 238 -22.29 15.04 -10.47
C HIS B 238 -23.28 15.31 -9.34
N PHE B 239 -24.17 14.36 -9.09
CA PHE B 239 -25.18 14.47 -8.04
C PHE B 239 -24.59 14.63 -6.65
N LEU B 240 -23.45 13.98 -6.40
CA LEU B 240 -22.80 14.06 -5.10
C LEU B 240 -22.00 15.35 -4.88
N ASP B 241 -21.64 16.04 -5.96
CA ASP B 241 -20.86 17.27 -5.86
C ASP B 241 -21.36 18.25 -4.79
N GLU B 242 -22.66 18.22 -4.53
CA GLU B 242 -23.30 19.10 -3.55
C GLU B 242 -22.82 18.86 -2.12
N LYS B 243 -22.74 17.59 -1.72
CA LYS B 243 -22.31 17.26 -0.37
C LYS B 243 -20.84 17.47 -0.10
N TRP B 244 -20.02 17.49 -1.15
CA TRP B 244 -18.58 17.68 -0.98
C TRP B 244 -18.13 19.10 -1.30
N GLU B 245 -19.10 19.98 -1.51
CA GLU B 245 -18.83 21.38 -1.84
C GLU B 245 -17.97 21.54 -3.09
N ILE B 246 -18.33 20.79 -4.13
CA ILE B 246 -17.61 20.87 -5.40
C ILE B 246 -18.54 21.50 -6.44
N PHE B 247 -18.02 22.41 -7.24
CA PHE B 247 -18.83 23.03 -8.28
C PHE B 247 -18.10 23.32 -9.58
N ASP B 248 -17.06 22.56 -9.84
CA ASP B 248 -16.30 22.67 -11.07
C ASP B 248 -16.46 21.35 -11.80
N PRO B 249 -16.39 21.38 -13.14
CA PRO B 249 -16.53 20.13 -13.89
C PRO B 249 -15.31 19.28 -13.56
N TRP B 250 -15.42 17.97 -13.72
CA TRP B 250 -14.28 17.10 -13.43
C TRP B 250 -14.44 15.72 -14.07
N VAL B 251 -13.35 14.97 -14.10
CA VAL B 251 -13.37 13.62 -14.62
C VAL B 251 -12.52 12.77 -13.72
N GLY B 252 -12.89 11.51 -13.57
CA GLY B 252 -12.14 10.61 -12.73
C GLY B 252 -12.29 9.22 -13.29
N LEU B 253 -11.19 8.46 -13.25
CA LEU B 253 -11.20 7.11 -13.77
C LEU B 253 -10.57 6.22 -12.72
N GLY B 254 -11.20 5.08 -12.43
CA GLY B 254 -10.66 4.16 -11.45
C GLY B 254 -10.39 2.77 -11.99
N PHE B 255 -9.24 2.21 -11.62
CA PHE B 255 -8.85 0.87 -12.07
C PHE B 255 -8.56 -0.09 -10.90
N GLY B 256 -8.84 -1.37 -11.13
CA GLY B 256 -8.52 -2.39 -10.15
C GLY B 256 -7.22 -2.98 -10.72
N LEU B 257 -6.09 -2.78 -10.06
CA LEU B 257 -4.82 -3.27 -10.59
C LEU B 257 -4.66 -4.79 -10.66
N GLU B 258 -5.14 -5.51 -9.64
CA GLU B 258 -5.02 -6.97 -9.66
C GLU B 258 -5.84 -7.48 -10.83
N ARG B 259 -7.01 -6.88 -11.04
CA ARG B 259 -7.86 -7.31 -12.13
C ARG B 259 -7.20 -6.98 -13.47
N LEU B 260 -6.55 -5.82 -13.55
CA LEU B 260 -5.85 -5.43 -14.77
C LEU B 260 -4.78 -6.48 -15.05
N LEU B 261 -3.99 -6.78 -14.03
CA LEU B 261 -2.92 -7.76 -14.16
C LEU B 261 -3.42 -9.13 -14.59
N MET B 262 -4.53 -9.58 -14.00
CA MET B 262 -5.09 -10.87 -14.35
C MET B 262 -5.46 -10.93 -15.83
N ILE B 263 -6.05 -9.82 -16.31
CA ILE B 263 -6.49 -9.71 -17.69
C ILE B 263 -5.31 -9.60 -18.66
N ARG B 264 -4.31 -8.80 -18.32
CA ARG B 264 -3.14 -8.66 -19.17
C ARG B 264 -2.38 -9.97 -19.26
N GLU B 265 -2.14 -10.58 -18.10
CA GLU B 265 -1.39 -11.82 -18.02
C GLU B 265 -2.18 -13.08 -18.34
N GLY B 266 -3.49 -12.97 -18.33
CA GLY B 266 -4.31 -14.13 -18.63
C GLY B 266 -4.18 -15.22 -17.58
N THR B 267 -4.13 -14.85 -16.30
CA THR B 267 -4.03 -15.83 -15.23
C THR B 267 -5.42 -16.27 -14.79
N GLN B 268 -5.51 -17.31 -13.96
CA GLN B 268 -6.81 -17.82 -13.53
C GLN B 268 -7.44 -17.18 -12.30
N HIS B 269 -6.66 -17.05 -11.24
CA HIS B 269 -7.18 -16.44 -10.02
C HIS B 269 -6.73 -14.99 -9.89
N VAL B 270 -7.65 -14.11 -9.51
CA VAL B 270 -7.29 -12.70 -9.35
C VAL B 270 -6.35 -12.59 -8.15
N GLN B 271 -6.36 -13.61 -7.29
CA GLN B 271 -5.51 -13.63 -6.10
C GLN B 271 -4.05 -13.83 -6.48
N SER B 272 -3.80 -14.46 -7.61
CA SER B 272 -2.43 -14.74 -8.05
C SER B 272 -1.45 -13.54 -7.96
N MET B 273 -1.93 -12.33 -8.15
CA MET B 273 -1.02 -11.19 -8.08
C MET B 273 -1.41 -10.13 -7.05
N ALA B 274 -2.33 -10.48 -6.16
CA ALA B 274 -2.77 -9.56 -5.13
C ALA B 274 -1.89 -9.71 -3.89
N ARG B 275 -2.14 -8.90 -2.88
CA ARG B 275 -1.39 -9.00 -1.62
C ARG B 275 -1.66 -10.42 -1.17
N SER B 276 -0.62 -11.18 -0.88
CA SER B 276 -0.87 -12.56 -0.52
C SER B 276 0.23 -13.26 0.25
N LEU B 277 -0.15 -14.34 0.90
CA LEU B 277 0.78 -15.17 1.64
C LEU B 277 0.81 -16.54 0.96
N SER B 278 -0.04 -16.71 -0.05
CA SER B 278 -0.13 -17.99 -0.79
C SER B 278 0.47 -17.92 -2.21
N TYR B 279 0.50 -16.74 -2.78
CA TYR B 279 1.05 -16.57 -4.12
C TYR B 279 2.13 -15.50 -4.06
N LEU B 280 2.90 -15.39 -5.14
CA LEU B 280 3.94 -14.38 -5.22
C LEU B 280 4.18 -14.18 -6.71
N ASP B 281 4.01 -12.95 -7.17
CA ASP B 281 4.23 -12.60 -8.57
C ASP B 281 3.52 -13.56 -9.53
N GLY B 282 2.27 -13.89 -9.19
CA GLY B 282 1.45 -14.76 -9.99
C GLY B 282 1.68 -16.26 -9.80
N VAL B 283 2.60 -16.65 -8.92
CA VAL B 283 2.89 -18.07 -8.71
C VAL B 283 2.45 -18.60 -7.34
N ARG B 284 1.70 -19.71 -7.34
CA ARG B 284 1.25 -20.32 -6.07
C ARG B 284 2.52 -20.84 -5.43
N LEU B 285 2.72 -20.57 -4.14
CA LEU B 285 3.96 -20.97 -3.48
C LEU B 285 4.21 -22.43 -3.10
N ASN B 286 3.15 -23.18 -2.80
CA ASN B 286 3.37 -24.57 -2.43
C ASN B 286 3.61 -25.45 -3.66
N ILE B 287 4.67 -25.16 -4.40
CA ILE B 287 4.99 -25.94 -5.58
C ILE B 287 6.37 -26.59 -5.51
#